data_2A5W
#
_entry.id   2A5W
#
_cell.length_a   49.22
_cell.length_b   64.80
_cell.length_c   129.712
_cell.angle_alpha   90.00
_cell.angle_beta   90.00
_cell.angle_gamma   90.00
#
_symmetry.space_group_name_H-M   'P 21 21 21'
#
loop_
_entity.id
_entity.type
_entity.pdbx_description
1 polymer 'sulfite reductase, desulfoviridin-type subunit gamma (dsvC)'
2 non-polymer 'SULFATE ION'
3 water water
#
_entity_poly.entity_id   1
_entity_poly.type   'polypeptide(L)'
_entity_poly.pdbx_seq_one_letter_code
;MPELEVKGKKLRLDEDGFLQDWEEWDEEVAEALAKDTRFSPQPIELTEEHWKIIRYLRDYFIKYGVAPPVRMLVKHCKKE
VRPDCNLQYIYKLFPQGPAKDACRIAGLPKPTGCV
;
_entity_poly.pdbx_strand_id   A,B,C
#
loop_
_chem_comp.id
_chem_comp.type
_chem_comp.name
_chem_comp.formula
SO4 non-polymer 'SULFATE ION' 'O4 S -2'
#
# COMPACT_ATOMS: atom_id res chain seq x y z
N PRO A 2 -17.09 7.15 28.78
CA PRO A 2 -18.33 7.30 29.57
C PRO A 2 -18.66 5.98 30.26
N GLU A 3 -19.85 5.86 30.83
CA GLU A 3 -20.23 4.63 31.56
C GLU A 3 -21.15 3.74 30.75
N LEU A 4 -21.28 2.50 31.22
CA LEU A 4 -22.20 1.52 30.70
C LEU A 4 -22.89 0.83 31.89
N GLU A 5 -24.18 1.08 32.03
CA GLU A 5 -25.00 0.36 33.00
C GLU A 5 -25.41 -1.00 32.44
N VAL A 6 -25.03 -2.04 33.17
CA VAL A 6 -25.41 -3.43 32.90
C VAL A 6 -25.22 -4.21 34.21
N LYS A 7 -26.15 -5.12 34.49
CA LYS A 7 -26.11 -6.03 35.67
C LYS A 7 -25.88 -5.35 37.03
N GLY A 8 -26.61 -4.27 37.29
CA GLY A 8 -26.52 -3.51 38.54
C GLY A 8 -25.21 -2.78 38.75
N LYS A 9 -24.40 -2.75 37.69
CA LYS A 9 -23.07 -2.15 37.74
C LYS A 9 -22.88 -1.03 36.72
N LYS A 10 -21.95 -0.13 37.05
CA LYS A 10 -21.54 0.91 36.13
C LYS A 10 -20.10 0.69 35.70
N LEU A 11 -19.95 0.26 34.47
CA LEU A 11 -18.65 -0.07 33.92
C LEU A 11 -18.06 1.13 33.18
N ARG A 12 -16.74 1.29 33.29
CA ARG A 12 -16.02 2.36 32.63
C ARG A 12 -15.68 1.99 31.17
N LEU A 13 -16.07 2.85 30.24
CA LEU A 13 -15.65 2.75 28.83
C LEU A 13 -14.70 3.90 28.49
N ASP A 14 -13.81 3.69 27.52
CA ASP A 14 -13.01 4.79 27.00
C ASP A 14 -13.79 5.65 25.97
N GLU A 15 -13.12 6.62 25.36
CA GLU A 15 -13.78 7.53 24.43
C GLU A 15 -14.25 6.88 23.14
N ASP A 16 -13.77 5.66 22.89
CA ASP A 16 -14.11 4.85 21.70
C ASP A 16 -15.04 3.68 22.04
N GLY A 17 -15.48 3.65 23.30
CA GLY A 17 -16.50 2.73 23.74
C GLY A 17 -15.98 1.37 24.15
N PHE A 18 -14.67 1.26 24.36
CA PHE A 18 -14.03 0.01 24.78
C PHE A 18 -14.08 -0.14 26.29
N LEU A 19 -14.41 -1.33 26.74
CA LEU A 19 -14.49 -1.68 28.16
C LEU A 19 -13.14 -1.62 28.90
N GLN A 20 -12.98 -0.66 29.79
CA GLN A 20 -11.75 -0.50 30.56
C GLN A 20 -11.70 -1.42 31.79
N ASP A 21 -12.85 -1.67 32.40
CA ASP A 21 -12.97 -2.75 33.40
C ASP A 21 -13.12 -4.09 32.65
N TRP A 22 -12.15 -4.39 31.79
CA TRP A 22 -12.27 -5.51 30.84
C TRP A 22 -12.49 -6.88 31.47
N GLU A 23 -12.04 -7.02 32.72
CA GLU A 23 -12.20 -8.26 33.47
C GLU A 23 -13.60 -8.44 34.06
N GLU A 24 -14.47 -7.46 33.86
CA GLU A 24 -15.87 -7.54 34.31
C GLU A 24 -16.77 -8.10 33.22
N TRP A 25 -16.18 -8.32 32.04
CA TRP A 25 -16.93 -8.76 30.88
C TRP A 25 -17.53 -10.15 31.08
N ASP A 26 -18.74 -10.32 30.53
CA ASP A 26 -19.40 -11.61 30.35
C ASP A 26 -20.38 -11.44 29.20
N GLU A 27 -21.15 -12.49 28.91
CA GLU A 27 -22.17 -12.45 27.83
C GLU A 27 -23.16 -11.28 27.93
N GLU A 28 -23.57 -10.96 29.16
CA GLU A 28 -24.47 -9.85 29.44
C GLU A 28 -23.87 -8.52 29.03
N VAL A 29 -22.63 -8.30 29.46
CA VAL A 29 -21.86 -7.11 29.09
C VAL A 29 -21.68 -7.06 27.58
N ALA A 30 -21.36 -8.19 26.97
CA ALA A 30 -21.20 -8.23 25.51
C ALA A 30 -22.44 -7.71 24.84
N GLU A 31 -23.60 -8.12 25.36
CA GLU A 31 -24.90 -7.74 24.83
C GLU A 31 -25.18 -6.26 24.96
N ALA A 32 -24.81 -5.69 26.11
CA ALA A 32 -24.99 -4.27 26.34
C ALA A 32 -24.07 -3.47 25.39
N LEU A 33 -22.84 -3.93 25.25
CA LEU A 33 -21.90 -3.32 24.31
C LEU A 33 -22.44 -3.37 22.89
N ALA A 34 -22.98 -4.53 22.50
CA ALA A 34 -23.55 -4.70 21.15
C ALA A 34 -24.70 -3.73 20.82
N LYS A 35 -25.52 -3.38 21.81
CA LYS A 35 -26.58 -2.37 21.57
C LYS A 35 -26.19 -0.96 21.91
N ASP A 36 -24.93 -0.71 22.27
CA ASP A 36 -24.49 0.64 22.67
C ASP A 36 -24.31 1.53 21.44
N THR A 37 -25.38 2.26 21.11
CA THR A 37 -25.44 3.08 19.89
C THR A 37 -24.72 4.44 20.01
N ARG A 38 -24.05 4.67 21.14
CA ARG A 38 -23.10 5.78 21.23
C ARG A 38 -21.85 5.50 20.38
N PHE A 39 -21.61 4.22 20.10
CA PHE A 39 -20.35 3.77 19.50
C PHE A 39 -20.58 2.87 18.31
N SER A 40 -21.84 2.80 17.90
CA SER A 40 -22.29 1.99 16.80
C SER A 40 -23.49 2.70 16.14
N PRO A 41 -23.50 2.83 14.80
CA PRO A 41 -24.67 3.40 14.10
C PRO A 41 -25.97 2.71 14.53
N GLN A 42 -25.94 1.39 14.57
CA GLN A 42 -27.09 0.58 14.93
C GLN A 42 -26.66 -0.52 15.91
N PRO A 43 -27.59 -0.98 16.76
CA PRO A 43 -27.27 -2.19 17.52
C PRO A 43 -26.88 -3.36 16.62
N ILE A 44 -26.03 -4.23 17.13
CA ILE A 44 -25.65 -5.42 16.37
C ILE A 44 -26.28 -6.61 17.05
N GLU A 45 -27.11 -7.33 16.30
CA GLU A 45 -27.74 -8.56 16.76
C GLU A 45 -26.68 -9.67 16.75
N LEU A 46 -26.35 -10.21 17.93
CA LEU A 46 -25.32 -11.23 18.00
C LEU A 46 -25.80 -12.66 17.69
N THR A 47 -25.51 -13.15 16.48
CA THR A 47 -25.76 -14.53 16.09
C THR A 47 -24.62 -15.42 16.64
N GLU A 48 -24.74 -16.73 16.51
CA GLU A 48 -23.70 -17.66 16.95
C GLU A 48 -22.38 -17.41 16.22
N GLU A 49 -22.48 -17.03 14.94
CA GLU A 49 -21.29 -16.60 14.20
C GLU A 49 -20.60 -15.41 14.87
N HIS A 50 -21.37 -14.40 15.28
CA HIS A 50 -20.82 -13.26 16.01
C HIS A 50 -20.10 -13.75 17.26
N TRP A 51 -20.77 -14.63 18.01
CA TRP A 51 -20.23 -15.19 19.26
C TRP A 51 -18.93 -15.97 19.09
N LYS A 52 -18.82 -16.70 17.99
CA LYS A 52 -17.60 -17.47 17.68
C LYS A 52 -16.46 -16.51 17.47
N ILE A 53 -16.73 -15.40 16.77
CA ILE A 53 -15.72 -14.36 16.56
C ILE A 53 -15.36 -13.66 17.88
N ILE A 54 -16.39 -13.26 18.64
CA ILE A 54 -16.20 -12.64 19.96
C ILE A 54 -15.34 -13.49 20.92
N ARG A 55 -15.66 -14.79 21.05
CA ARG A 55 -14.90 -15.71 21.91
C ARG A 55 -13.44 -15.90 21.46
N TYR A 56 -13.22 -16.04 20.17
CA TYR A 56 -11.88 -16.09 19.62
C TYR A 56 -11.02 -14.86 19.96
N LEU A 57 -11.55 -13.66 19.72
CA LEU A 57 -10.83 -12.42 20.04
C LEU A 57 -10.49 -12.33 21.53
N ARG A 58 -11.48 -12.64 22.37
CA ARG A 58 -11.26 -12.54 23.80
C ARG A 58 -10.27 -13.58 24.33
N ASP A 59 -10.35 -14.83 23.86
CA ASP A 59 -9.33 -15.84 24.21
C ASP A 59 -7.93 -15.42 23.80
N TYR A 60 -7.81 -14.88 22.59
CA TYR A 60 -6.50 -14.41 22.13
C TYR A 60 -5.93 -13.30 23.05
N PHE A 61 -6.75 -12.31 23.38
CA PHE A 61 -6.33 -11.23 24.28
C PHE A 61 -5.94 -11.75 25.68
N ILE A 62 -6.73 -12.67 26.22
CA ILE A 62 -6.43 -13.24 27.56
C ILE A 62 -5.07 -13.96 27.50
N LYS A 63 -4.81 -14.67 26.41
CA LYS A 63 -3.55 -15.38 26.26
C LYS A 63 -2.35 -14.47 25.94
N TYR A 64 -2.51 -13.56 24.99
CA TYR A 64 -1.36 -12.80 24.49
C TYR A 64 -1.33 -11.32 24.86
N GLY A 65 -2.42 -10.80 25.42
CA GLY A 65 -2.46 -9.38 25.83
C GLY A 65 -2.60 -8.37 24.70
N VAL A 66 -2.88 -8.86 23.49
CA VAL A 66 -3.14 -8.02 22.32
C VAL A 66 -4.28 -8.70 21.53
N ALA A 67 -4.88 -8.00 20.58
CA ALA A 67 -5.86 -8.61 19.67
C ALA A 67 -5.09 -9.26 18.52
N PRO A 68 -5.63 -10.38 17.93
CA PRO A 68 -4.95 -11.02 16.80
C PRO A 68 -5.01 -10.15 15.57
N PRO A 69 -4.02 -10.27 14.68
CA PRO A 69 -4.07 -9.46 13.48
C PRO A 69 -5.24 -9.92 12.60
N VAL A 70 -5.76 -9.03 11.76
CA VAL A 70 -6.88 -9.37 10.90
C VAL A 70 -6.56 -10.62 10.05
N ARG A 71 -5.34 -10.67 9.50
CA ARG A 71 -4.84 -11.82 8.75
C ARG A 71 -5.15 -13.16 9.43
N MET A 72 -4.88 -13.22 10.73
CA MET A 72 -5.12 -14.40 11.56
C MET A 72 -6.60 -14.64 11.87
N LEU A 73 -7.33 -13.58 12.18
CA LEU A 73 -8.77 -13.64 12.37
C LEU A 73 -9.52 -14.25 11.17
N VAL A 74 -9.19 -13.80 9.96
CA VAL A 74 -9.84 -14.28 8.74
C VAL A 74 -9.56 -15.79 8.53
N LYS A 75 -8.30 -16.17 8.70
CA LYS A 75 -7.87 -17.57 8.63
C LYS A 75 -8.68 -18.41 9.62
N HIS A 76 -8.73 -18.00 10.89
CA HIS A 76 -9.56 -18.68 11.91
C HIS A 76 -11.04 -18.82 11.53
N CYS A 77 -11.62 -17.74 10.99
CA CYS A 77 -13.02 -17.68 10.57
C CYS A 77 -13.34 -18.64 9.43
N LYS A 78 -12.46 -18.68 8.45
CA LYS A 78 -12.55 -19.65 7.35
C LYS A 78 -12.55 -21.09 7.86
N LYS A 79 -11.75 -21.36 8.88
CA LYS A 79 -11.58 -22.70 9.42
C LYS A 79 -12.73 -23.08 10.39
N GLU A 80 -13.13 -22.14 11.24
CA GLU A 80 -14.07 -22.45 12.33
C GLU A 80 -15.46 -21.86 12.22
N VAL A 81 -15.66 -20.86 11.38
CA VAL A 81 -16.98 -20.26 11.23
C VAL A 81 -17.67 -20.71 9.93
N ARG A 82 -17.12 -20.34 8.78
CA ARG A 82 -17.57 -20.85 7.48
C ARG A 82 -16.48 -20.62 6.44
N PRO A 83 -16.35 -21.53 5.46
CA PRO A 83 -15.25 -21.49 4.49
C PRO A 83 -15.13 -20.18 3.72
N ASP A 84 -16.24 -19.46 3.57
CA ASP A 84 -16.26 -18.19 2.87
C ASP A 84 -16.29 -16.96 3.80
N CYS A 85 -15.87 -17.14 5.05
CA CYS A 85 -15.85 -16.00 5.95
C CYS A 85 -14.60 -15.16 5.80
N ASN A 86 -14.55 -14.38 4.72
CA ASN A 86 -13.53 -13.37 4.48
C ASN A 86 -13.79 -12.05 5.24
N LEU A 87 -12.91 -11.06 5.05
CA LEU A 87 -13.00 -9.77 5.76
C LEU A 87 -14.32 -9.07 5.47
N GLN A 88 -14.77 -9.12 4.22
CA GLN A 88 -16.07 -8.60 3.82
C GLN A 88 -17.19 -9.24 4.67
N TYR A 89 -17.14 -10.55 4.82
CA TYR A 89 -18.13 -11.25 5.66
C TYR A 89 -18.07 -10.79 7.12
N ILE A 90 -16.86 -10.67 7.66
CA ILE A 90 -16.66 -10.06 8.99
C ILE A 90 -17.28 -8.64 9.10
N TYR A 91 -17.13 -7.79 8.08
CA TYR A 91 -17.83 -6.49 8.14
C TYR A 91 -19.36 -6.60 8.00
N LYS A 92 -19.84 -7.65 7.34
CA LYS A 92 -21.28 -7.89 7.26
C LYS A 92 -21.82 -8.17 8.68
N LEU A 93 -21.09 -8.98 9.44
CA LEU A 93 -21.43 -9.28 10.82
C LEU A 93 -21.23 -8.06 11.71
N PHE A 94 -20.07 -7.40 11.57
CA PHE A 94 -19.68 -6.27 12.41
C PHE A 94 -19.43 -5.05 11.50
N PRO A 95 -20.48 -4.25 11.24
CA PRO A 95 -20.45 -3.17 10.23
C PRO A 95 -19.28 -2.17 10.28
N GLN A 96 -18.75 -1.89 11.47
CA GLN A 96 -17.59 -1.04 11.63
C GLN A 96 -16.26 -1.85 11.68
N GLY A 97 -16.34 -3.17 11.56
CA GLY A 97 -15.12 -3.98 11.46
C GLY A 97 -14.73 -4.73 12.72
N PRO A 98 -13.67 -5.56 12.62
CA PRO A 98 -13.28 -6.42 13.75
C PRO A 98 -12.70 -5.64 14.92
N ALA A 99 -12.13 -4.48 14.64
CA ALA A 99 -11.52 -3.68 15.69
C ALA A 99 -12.57 -2.79 16.35
N LYS A 100 -13.26 -1.94 15.56
CA LYS A 100 -14.23 -0.96 16.16
C LYS A 100 -15.46 -1.63 16.78
N ASP A 101 -15.88 -2.76 16.20
CA ASP A 101 -17.07 -3.48 16.70
C ASP A 101 -16.74 -4.75 17.47
N ALA A 102 -16.03 -5.68 16.83
CA ALA A 102 -15.89 -7.03 17.39
C ALA A 102 -15.04 -7.05 18.65
N CYS A 103 -13.88 -6.41 18.63
CA CYS A 103 -13.00 -6.33 19.80
C CYS A 103 -13.68 -5.54 20.91
N ARG A 104 -14.39 -4.48 20.55
CA ARG A 104 -15.17 -3.68 21.52
C ARG A 104 -16.19 -4.54 22.26
N ILE A 105 -17.05 -5.22 21.50
CA ILE A 105 -18.10 -6.08 22.04
C ILE A 105 -17.51 -7.26 22.80
N ALA A 106 -16.32 -7.73 22.37
CA ALA A 106 -15.64 -8.83 23.07
C ALA A 106 -14.98 -8.37 24.38
N GLY A 107 -15.08 -7.07 24.68
CA GLY A 107 -14.65 -6.56 25.98
C GLY A 107 -13.14 -6.38 26.11
N LEU A 108 -12.46 -6.27 24.97
CA LEU A 108 -11.03 -5.93 25.00
C LEU A 108 -10.91 -4.46 25.38
N PRO A 109 -9.92 -4.11 26.24
CA PRO A 109 -9.81 -2.71 26.69
C PRO A 109 -9.33 -1.77 25.58
N LYS A 110 -8.60 -2.32 24.60
CA LYS A 110 -8.22 -1.59 23.38
C LYS A 110 -8.20 -2.61 22.22
N PRO A 111 -8.41 -2.14 20.97
CA PRO A 111 -8.38 -3.06 19.83
C PRO A 111 -6.97 -3.31 19.29
N THR A 112 -5.97 -2.85 20.04
CA THR A 112 -4.59 -2.80 19.55
C THR A 112 -4.14 -4.18 19.11
N GLY A 113 -3.61 -4.24 17.89
CA GLY A 113 -3.19 -5.48 17.25
C GLY A 113 -4.07 -5.89 16.07
N CYS A 114 -5.35 -5.55 16.16
CA CYS A 114 -6.35 -6.03 15.20
C CYS A 114 -6.42 -5.13 13.97
N VAL A 115 -5.40 -5.19 13.12
CA VAL A 115 -5.36 -4.47 11.83
C VAL A 115 -4.72 -5.36 10.76
N PRO B 2 10.30 14.84 10.29
CA PRO B 2 9.30 15.64 11.00
C PRO B 2 8.37 14.72 11.77
N GLU B 3 7.36 15.29 12.41
CA GLU B 3 6.45 14.47 13.19
C GLU B 3 5.08 14.40 12.56
N LEU B 4 4.35 13.35 12.94
CA LEU B 4 2.95 13.19 12.58
C LEU B 4 2.17 13.00 13.87
N GLU B 5 1.17 13.83 14.10
CA GLU B 5 0.39 13.72 15.33
C GLU B 5 -0.85 12.89 15.08
N VAL B 6 -1.01 11.82 15.85
CA VAL B 6 -2.22 11.01 15.72
C VAL B 6 -2.66 10.49 17.08
N LYS B 7 -3.91 10.78 17.45
CA LYS B 7 -4.46 10.45 18.77
C LYS B 7 -3.49 10.89 19.86
N GLY B 8 -3.09 12.16 19.81
CA GLY B 8 -2.16 12.71 20.80
C GLY B 8 -0.78 12.08 20.89
N LYS B 9 -0.53 11.06 20.08
CA LYS B 9 0.83 10.52 19.92
C LYS B 9 1.52 11.27 18.80
N LYS B 10 2.82 11.46 18.94
CA LYS B 10 3.61 12.14 17.90
C LYS B 10 4.61 11.16 17.31
N LEU B 11 4.33 10.70 16.10
CA LEU B 11 5.18 9.74 15.43
C LEU B 11 6.23 10.45 14.58
N ARG B 12 7.34 9.76 14.31
CA ARG B 12 8.38 10.29 13.46
C ARG B 12 8.19 9.85 12.02
N LEU B 13 8.25 10.85 11.13
CA LEU B 13 8.33 10.63 9.69
C LEU B 13 9.75 10.93 9.21
N ASP B 14 10.20 10.25 8.16
CA ASP B 14 11.47 10.64 7.53
C ASP B 14 11.25 11.88 6.67
N GLU B 15 12.31 12.36 6.03
CA GLU B 15 12.29 13.59 5.26
C GLU B 15 11.42 13.52 4.02
N ASP B 16 10.89 12.34 3.73
CA ASP B 16 10.01 12.14 2.55
C ASP B 16 8.57 11.87 2.93
N GLY B 17 8.27 11.94 4.22
CA GLY B 17 6.90 11.76 4.71
C GLY B 17 6.46 10.35 5.03
N PHE B 18 7.41 9.42 5.01
CA PHE B 18 7.16 8.03 5.35
C PHE B 18 7.38 7.80 6.83
N LEU B 19 6.58 6.92 7.40
CA LEU B 19 6.78 6.46 8.75
C LEU B 19 8.22 6.01 8.94
N GLN B 20 8.89 6.48 10.00
CA GLN B 20 10.20 5.96 10.30
C GLN B 20 10.11 4.49 10.78
N ASP B 21 9.08 4.19 11.57
CA ASP B 21 8.88 2.85 12.11
C ASP B 21 7.56 2.28 11.59
N TRP B 22 7.65 1.36 10.62
CA TRP B 22 6.46 0.77 9.98
C TRP B 22 5.51 0.13 10.98
N GLU B 23 6.05 -0.30 12.12
CA GLU B 23 5.27 -1.01 13.13
C GLU B 23 4.35 -0.11 13.95
N GLU B 24 4.55 1.20 13.84
CA GLU B 24 3.71 2.20 14.52
C GLU B 24 2.39 2.50 13.79
N TRP B 25 2.22 1.94 12.59
CA TRP B 25 1.00 2.17 11.78
C TRP B 25 -0.23 1.53 12.36
N ASP B 26 -1.36 2.21 12.21
CA ASP B 26 -2.67 1.60 12.33
C ASP B 26 -3.59 2.38 11.40
N GLU B 27 -4.88 2.09 11.42
CA GLU B 27 -5.78 2.78 10.52
C GLU B 27 -5.93 4.29 10.77
N GLU B 28 -5.80 4.70 12.02
CA GLU B 28 -5.82 6.14 12.37
C GLU B 28 -4.54 6.84 11.87
N VAL B 29 -3.40 6.14 11.96
CA VAL B 29 -2.15 6.61 11.34
C VAL B 29 -2.31 6.75 9.81
N ALA B 30 -2.92 5.76 9.17
CA ALA B 30 -3.20 5.83 7.73
C ALA B 30 -4.00 7.07 7.36
N GLU B 31 -5.04 7.39 8.14
CA GLU B 31 -5.90 8.56 7.83
C GLU B 31 -5.16 9.86 7.94
N ALA B 32 -4.28 9.95 8.95
CA ALA B 32 -3.45 11.14 9.17
C ALA B 32 -2.45 11.33 8.04
N LEU B 33 -1.87 10.24 7.54
CA LEU B 33 -0.89 10.30 6.45
C LEU B 33 -1.60 10.71 5.18
N ALA B 34 -2.80 10.15 4.97
CA ALA B 34 -3.63 10.51 3.83
C ALA B 34 -3.96 12.00 3.80
N LYS B 35 -4.09 12.61 4.98
CA LYS B 35 -4.37 14.05 5.07
C LYS B 35 -3.10 14.93 5.13
N ASP B 36 -1.92 14.32 5.17
CA ASP B 36 -0.66 15.08 5.34
C ASP B 36 -0.26 15.77 4.04
N THR B 37 -0.45 17.08 3.94
CA THR B 37 -0.11 17.76 2.70
C THR B 37 1.25 18.47 2.72
N ARG B 38 2.08 18.15 3.70
CA ARG B 38 3.50 18.48 3.64
C ARG B 38 4.23 17.64 2.58
N PHE B 39 3.69 16.46 2.28
CA PHE B 39 4.33 15.50 1.36
C PHE B 39 3.39 14.95 0.27
N SER B 40 2.24 15.61 0.14
CA SER B 40 1.19 15.27 -0.83
C SER B 40 0.63 16.63 -1.27
N PRO B 41 0.31 16.81 -2.57
CA PRO B 41 -0.22 18.13 -2.95
C PRO B 41 -1.58 18.44 -2.33
N GLN B 42 -2.43 17.42 -2.15
CA GLN B 42 -3.77 17.61 -1.59
C GLN B 42 -4.14 16.45 -0.65
N PRO B 43 -5.16 16.60 0.21
CA PRO B 43 -5.57 15.45 1.04
C PRO B 43 -6.18 14.31 0.20
N ILE B 44 -5.98 13.08 0.64
CA ILE B 44 -6.64 11.93 -0.01
C ILE B 44 -7.74 11.38 0.91
N GLU B 45 -8.97 11.31 0.40
CA GLU B 45 -10.08 10.66 1.11
C GLU B 45 -10.05 9.18 0.84
N LEU B 46 -9.84 8.40 1.89
CA LEU B 46 -9.70 6.96 1.76
C LEU B 46 -11.05 6.27 1.63
N THR B 47 -11.40 5.91 0.40
CA THR B 47 -12.61 5.17 0.13
C THR B 47 -12.29 3.68 0.32
N GLU B 48 -13.31 2.84 0.21
CA GLU B 48 -13.13 1.40 0.34
C GLU B 48 -12.08 0.88 -0.64
N GLU B 49 -12.05 1.44 -1.85
CA GLU B 49 -11.09 1.05 -2.88
C GLU B 49 -9.66 1.36 -2.45
N HIS B 50 -9.45 2.56 -1.88
CA HIS B 50 -8.16 2.93 -1.28
C HIS B 50 -7.73 1.92 -0.18
N TRP B 51 -8.67 1.56 0.68
CA TRP B 51 -8.37 0.67 1.80
C TRP B 51 -7.98 -0.70 1.28
N LYS B 52 -8.69 -1.21 0.28
CA LYS B 52 -8.28 -2.47 -0.35
C LYS B 52 -6.82 -2.46 -0.79
N ILE B 53 -6.38 -1.38 -1.45
CA ILE B 53 -4.97 -1.22 -1.92
C ILE B 53 -4.03 -1.15 -0.73
N ILE B 54 -4.40 -0.36 0.26
CA ILE B 54 -3.59 -0.15 1.44
C ILE B 54 -3.41 -1.47 2.19
N ARG B 55 -4.50 -2.20 2.45
CA ARG B 55 -4.46 -3.52 3.12
C ARG B 55 -3.58 -4.53 2.39
N TYR B 56 -3.73 -4.61 1.07
CA TYR B 56 -2.87 -5.48 0.25
C TYR B 56 -1.39 -5.12 0.39
N LEU B 57 -1.03 -3.83 0.25
CA LEU B 57 0.40 -3.42 0.32
C LEU B 57 0.99 -3.74 1.68
N ARG B 58 0.20 -3.47 2.70
CA ARG B 58 0.67 -3.65 4.05
C ARG B 58 0.89 -5.14 4.40
N ASP B 59 -0.05 -5.99 3.99
CA ASP B 59 0.07 -7.43 4.23
C ASP B 59 1.23 -8.06 3.45
N TYR B 60 1.43 -7.59 2.22
CA TYR B 60 2.55 -8.06 1.39
C TYR B 60 3.89 -7.71 2.07
N PHE B 61 4.03 -6.46 2.50
CA PHE B 61 5.25 -6.03 3.21
C PHE B 61 5.55 -6.84 4.46
N ILE B 62 4.54 -7.00 5.32
CA ILE B 62 4.65 -7.77 6.55
C ILE B 62 5.11 -9.24 6.29
N LYS B 63 4.68 -9.82 5.17
CA LYS B 63 5.02 -11.20 4.78
C LYS B 63 6.36 -11.32 4.01
N TYR B 64 6.62 -10.36 3.12
CA TYR B 64 7.78 -10.39 2.21
C TYR B 64 8.88 -9.34 2.44
N GLY B 65 8.62 -8.33 3.26
CA GLY B 65 9.67 -7.39 3.66
C GLY B 65 10.00 -6.31 2.63
N VAL B 66 9.19 -6.26 1.58
CA VAL B 66 9.36 -5.29 0.48
C VAL B 66 7.99 -5.02 -0.09
N ALA B 67 7.82 -3.89 -0.76
CA ALA B 67 6.57 -3.59 -1.48
C ALA B 67 6.45 -4.46 -2.74
N PRO B 68 5.22 -4.87 -3.10
CA PRO B 68 5.06 -5.73 -4.29
C PRO B 68 5.41 -5.01 -5.60
N PRO B 69 5.85 -5.77 -6.63
CA PRO B 69 6.05 -5.14 -7.93
C PRO B 69 4.73 -4.49 -8.35
N VAL B 70 4.81 -3.39 -9.08
CA VAL B 70 3.64 -2.57 -9.36
C VAL B 70 2.61 -3.36 -10.17
N ARG B 71 3.11 -4.27 -11.01
CA ARG B 71 2.24 -5.12 -11.82
C ARG B 71 1.46 -6.12 -10.96
N MET B 72 2.11 -6.70 -9.95
CA MET B 72 1.43 -7.51 -8.95
C MET B 72 0.31 -6.70 -8.28
N LEU B 73 0.60 -5.48 -7.84
CA LEU B 73 -0.43 -4.58 -7.30
C LEU B 73 -1.68 -4.42 -8.21
N VAL B 74 -1.44 -4.16 -9.49
CA VAL B 74 -2.55 -3.92 -10.43
C VAL B 74 -3.40 -5.17 -10.62
N LYS B 75 -2.74 -6.33 -10.66
CA LYS B 75 -3.46 -7.58 -10.82
C LYS B 75 -4.33 -7.90 -9.59
N HIS B 76 -3.90 -7.45 -8.42
CA HIS B 76 -4.72 -7.62 -7.23
C HIS B 76 -5.90 -6.64 -7.26
N CYS B 77 -5.69 -5.45 -7.82
CA CYS B 77 -6.72 -4.44 -7.99
C CYS B 77 -7.82 -4.93 -8.97
N LYS B 78 -7.39 -5.52 -10.10
CA LYS B 78 -8.30 -6.14 -11.06
C LYS B 78 -9.15 -7.22 -10.40
N LYS B 79 -8.53 -7.99 -9.52
CA LYS B 79 -9.17 -9.09 -8.81
C LYS B 79 -10.16 -8.66 -7.71
N GLU B 80 -9.81 -7.65 -6.93
CA GLU B 80 -10.56 -7.34 -5.72
C GLU B 80 -11.22 -5.97 -5.68
N VAL B 81 -10.83 -5.08 -6.58
CA VAL B 81 -11.32 -3.69 -6.57
C VAL B 81 -12.31 -3.45 -7.74
N ARG B 82 -11.80 -3.48 -8.97
CA ARG B 82 -12.65 -3.44 -10.16
C ARG B 82 -11.91 -4.15 -11.28
N PRO B 83 -12.63 -4.94 -12.10
CA PRO B 83 -11.99 -5.83 -13.09
C PRO B 83 -11.19 -5.11 -14.18
N ASP B 84 -11.51 -3.85 -14.43
CA ASP B 84 -10.82 -3.08 -15.43
C ASP B 84 -9.74 -2.18 -14.81
N CYS B 85 -9.37 -2.43 -13.55
CA CYS B 85 -8.31 -1.64 -12.91
C CYS B 85 -7.03 -1.69 -13.74
N ASN B 86 -6.35 -0.55 -13.87
CA ASN B 86 -5.00 -0.54 -14.41
C ASN B 86 -4.12 0.41 -13.58
N LEU B 87 -2.86 0.57 -13.97
CA LEU B 87 -1.97 1.47 -13.24
C LEU B 87 -2.50 2.93 -13.19
N GLN B 88 -3.12 3.38 -14.28
CA GLN B 88 -3.70 4.72 -14.28
C GLN B 88 -4.86 4.85 -13.27
N TYR B 89 -5.66 3.80 -13.08
CA TYR B 89 -6.66 3.82 -12.01
C TYR B 89 -6.01 3.97 -10.62
N ILE B 90 -4.93 3.23 -10.37
CA ILE B 90 -4.16 3.41 -9.13
C ILE B 90 -3.69 4.86 -8.91
N TYR B 91 -3.28 5.55 -10.00
CA TYR B 91 -2.96 6.99 -9.91
C TYR B 91 -4.18 7.90 -9.65
N LYS B 92 -5.35 7.51 -10.16
CA LYS B 92 -6.59 8.21 -9.80
C LYS B 92 -6.85 8.09 -8.30
N LEU B 93 -6.58 6.93 -7.72
CA LEU B 93 -6.80 6.74 -6.29
C LEU B 93 -5.71 7.42 -5.44
N PHE B 94 -4.48 7.37 -5.95
CA PHE B 94 -3.29 7.83 -5.26
C PHE B 94 -2.50 8.67 -6.25
N PRO B 95 -2.78 9.98 -6.27
CA PRO B 95 -2.24 10.88 -7.32
C PRO B 95 -0.72 10.92 -7.52
N GLN B 96 0.07 10.64 -6.48
CA GLN B 96 1.54 10.61 -6.61
C GLN B 96 2.04 9.19 -6.88
N GLY B 97 1.11 8.24 -6.95
CA GLY B 97 1.45 6.89 -7.33
C GLY B 97 1.49 5.89 -6.22
N PRO B 98 1.77 4.63 -6.57
CA PRO B 98 1.72 3.56 -5.57
C PRO B 98 2.84 3.63 -4.53
N ALA B 99 3.94 4.30 -4.82
CA ALA B 99 5.05 4.38 -3.87
C ALA B 99 4.92 5.62 -3.00
N LYS B 100 4.80 6.78 -3.62
CA LYS B 100 4.84 8.06 -2.89
C LYS B 100 3.56 8.33 -2.09
N ASP B 101 2.44 7.76 -2.55
CA ASP B 101 1.15 7.88 -1.84
C ASP B 101 0.70 6.61 -1.15
N ALA B 102 0.49 5.54 -1.92
CA ALA B 102 -0.13 4.32 -1.39
C ALA B 102 0.74 3.64 -0.32
N CYS B 103 2.00 3.34 -0.66
CA CYS B 103 2.94 2.75 0.31
C CYS B 103 3.17 3.65 1.50
N ARG B 104 3.33 4.96 1.26
CA ARG B 104 3.40 5.95 2.36
C ARG B 104 2.22 5.80 3.33
N ILE B 105 1.02 5.80 2.79
CA ILE B 105 -0.20 5.77 3.61
C ILE B 105 -0.39 4.43 4.37
N ALA B 106 0.07 3.34 3.75
CA ALA B 106 0.11 2.01 4.35
C ALA B 106 1.21 1.89 5.39
N GLY B 107 2.02 2.94 5.56
CA GLY B 107 3.03 2.93 6.62
C GLY B 107 4.30 2.17 6.28
N LEU B 108 4.53 1.92 4.99
CA LEU B 108 5.74 1.25 4.54
C LEU B 108 6.90 2.26 4.53
N PRO B 109 8.16 1.79 4.65
CA PRO B 109 9.35 2.66 4.55
C PRO B 109 9.54 3.23 3.15
N LYS B 110 10.30 4.32 3.01
CA LYS B 110 10.44 4.89 1.66
C LYS B 110 11.23 3.92 0.80
N PRO B 111 10.81 3.75 -0.47
CA PRO B 111 11.47 2.77 -1.33
C PRO B 111 12.95 3.12 -1.53
N THR B 112 13.77 2.09 -1.56
CA THR B 112 15.22 2.25 -1.47
C THR B 112 15.96 2.03 -2.83
N GLY B 113 15.21 1.60 -3.84
CA GLY B 113 15.77 1.30 -5.17
C GLY B 113 16.42 2.48 -5.87
N CYS B 114 17.09 2.19 -6.99
CA CYS B 114 17.63 3.25 -7.85
C CYS B 114 16.53 4.06 -8.53
N VAL B 115 16.80 5.34 -8.72
CA VAL B 115 15.88 6.26 -9.37
C VAL B 115 16.52 6.86 -10.63
N PRO C 2 6.65 -11.20 -16.75
CA PRO C 2 5.73 -10.92 -17.85
C PRO C 2 6.45 -10.95 -19.19
N GLU C 3 5.72 -10.70 -20.27
CA GLU C 3 6.37 -10.62 -21.58
C GLU C 3 5.89 -9.44 -22.43
N LEU C 4 6.67 -9.16 -23.48
CA LEU C 4 6.43 -8.04 -24.38
C LEU C 4 6.37 -8.52 -25.83
N GLU C 5 5.26 -8.20 -26.50
CA GLU C 5 5.04 -8.53 -27.90
C GLU C 5 5.63 -7.45 -28.79
N VAL C 6 6.63 -7.82 -29.58
CA VAL C 6 7.28 -6.90 -30.53
C VAL C 6 7.48 -7.61 -31.86
N LYS C 7 6.59 -7.35 -32.82
CA LYS C 7 6.69 -7.89 -34.18
C LYS C 7 6.31 -9.38 -34.30
N GLY C 8 5.65 -9.91 -33.27
CA GLY C 8 5.33 -11.34 -33.24
C GLY C 8 6.33 -12.18 -32.46
N LYS C 9 7.42 -11.55 -32.01
CA LYS C 9 8.38 -12.17 -31.09
C LYS C 9 8.05 -11.77 -29.65
N LYS C 10 8.05 -12.74 -28.75
CA LYS C 10 7.78 -12.48 -27.34
C LYS C 10 9.07 -12.40 -26.55
N LEU C 11 9.26 -11.26 -25.89
CA LEU C 11 10.45 -11.02 -25.12
C LEU C 11 10.06 -11.02 -23.65
N ARG C 12 10.85 -11.73 -22.86
CA ARG C 12 10.62 -11.86 -21.43
C ARG C 12 11.04 -10.57 -20.74
N LEU C 13 10.20 -10.11 -19.82
CA LEU C 13 10.51 -8.97 -18.97
C LEU C 13 10.68 -9.45 -17.54
N ASP C 14 11.39 -8.69 -16.72
CA ASP C 14 11.41 -9.03 -15.31
C ASP C 14 10.12 -8.51 -14.65
N GLU C 15 9.94 -8.78 -13.36
CA GLU C 15 8.70 -8.43 -12.66
C GLU C 15 8.38 -6.93 -12.74
N ASP C 16 9.42 -6.11 -13.00
CA ASP C 16 9.30 -4.65 -13.12
C ASP C 16 9.28 -4.09 -14.56
N GLY C 17 9.12 -4.96 -15.56
CA GLY C 17 8.92 -4.50 -16.96
C GLY C 17 10.19 -4.20 -17.74
N PHE C 18 11.32 -4.63 -17.18
CA PHE C 18 12.63 -4.44 -17.82
C PHE C 18 12.96 -5.66 -18.64
N LEU C 19 13.63 -5.46 -19.77
CA LEU C 19 14.05 -6.60 -20.59
C LEU C 19 14.89 -7.57 -19.75
N GLN C 20 14.64 -8.87 -19.89
CA GLN C 20 15.49 -9.90 -19.25
C GLN C 20 16.87 -9.94 -19.91
N ASP C 21 16.87 -9.77 -21.22
CA ASP C 21 18.08 -9.82 -22.03
C ASP C 21 18.17 -8.51 -22.82
N TRP C 22 19.10 -7.68 -22.39
CA TRP C 22 19.36 -6.36 -23.01
C TRP C 22 19.77 -6.42 -24.48
N GLU C 23 20.30 -7.55 -24.92
CA GLU C 23 20.72 -7.72 -26.32
C GLU C 23 19.57 -8.06 -27.25
N GLU C 24 18.38 -8.23 -26.69
CA GLU C 24 17.18 -8.43 -27.50
C GLU C 24 16.56 -7.12 -27.96
N TRP C 25 17.12 -5.99 -27.52
CA TRP C 25 16.59 -4.68 -27.82
C TRP C 25 16.93 -4.22 -29.23
N ASP C 26 15.98 -3.53 -29.85
CA ASP C 26 16.21 -2.69 -31.02
C ASP C 26 15.18 -1.56 -30.97
N GLU C 27 15.13 -0.74 -32.01
CA GLU C 27 14.27 0.44 -32.04
C GLU C 27 12.79 0.14 -31.87
N GLU C 28 12.34 -0.99 -32.41
CA GLU C 28 10.95 -1.40 -32.28
C GLU C 28 10.64 -1.86 -30.88
N VAL C 29 11.55 -2.62 -30.27
CA VAL C 29 11.43 -2.97 -28.85
C VAL C 29 11.32 -1.70 -28.00
N ALA C 30 12.21 -0.73 -28.23
CA ALA C 30 12.18 0.56 -27.52
C ALA C 30 10.79 1.19 -27.57
N GLU C 31 10.21 1.18 -28.76
CA GLU C 31 8.91 1.74 -29.02
C GLU C 31 7.80 0.98 -28.28
N ALA C 32 7.86 -0.34 -28.27
CA ALA C 32 6.87 -1.13 -27.53
C ALA C 32 7.03 -0.94 -26.01
N LEU C 33 8.27 -0.76 -25.56
CA LEU C 33 8.52 -0.46 -24.16
C LEU C 33 7.93 0.91 -23.73
N ALA C 34 8.10 1.92 -24.58
CA ALA C 34 7.61 3.28 -24.32
C ALA C 34 6.07 3.40 -24.25
N LYS C 35 5.34 2.56 -24.99
CA LYS C 35 3.88 2.52 -24.90
C LYS C 35 3.34 1.47 -23.93
N ASP C 36 4.23 0.78 -23.20
CA ASP C 36 3.81 -0.27 -22.27
C ASP C 36 3.31 0.35 -20.96
N THR C 37 1.99 0.51 -20.90
CA THR C 37 1.32 1.19 -19.79
C THR C 37 1.07 0.28 -18.58
N ARG C 38 1.55 -0.97 -18.64
CA ARG C 38 1.53 -1.87 -17.47
C ARG C 38 2.58 -1.45 -16.46
N PHE C 39 3.63 -0.78 -16.95
CA PHE C 39 4.75 -0.37 -16.11
C PHE C 39 5.00 1.13 -16.09
N SER C 40 4.08 1.88 -16.71
CA SER C 40 4.14 3.33 -16.76
C SER C 40 2.70 3.79 -16.84
N PRO C 41 2.31 4.78 -16.00
CA PRO C 41 0.89 5.14 -15.98
C PRO C 41 0.43 5.60 -17.35
N GLN C 42 1.29 6.34 -18.05
CA GLN C 42 1.01 6.84 -19.40
C GLN C 42 2.14 6.48 -20.36
N PRO C 43 1.84 6.36 -21.67
CA PRO C 43 2.91 6.06 -22.63
C PRO C 43 3.84 7.25 -22.80
N ILE C 44 5.06 6.99 -23.26
CA ILE C 44 5.99 8.07 -23.58
C ILE C 44 6.17 8.14 -25.08
N GLU C 45 6.00 9.33 -25.63
CA GLU C 45 6.21 9.55 -27.05
C GLU C 45 7.67 9.95 -27.25
N LEU C 46 8.40 9.15 -28.02
CA LEU C 46 9.85 9.30 -28.14
C LEU C 46 10.23 10.36 -29.18
N THR C 47 10.54 11.56 -28.70
CA THR C 47 11.08 12.61 -29.55
C THR C 47 12.56 12.33 -29.79
N GLU C 48 13.20 13.12 -30.65
CA GLU C 48 14.61 12.91 -30.91
C GLU C 48 15.49 13.03 -29.68
N GLU C 49 15.11 13.94 -28.79
CA GLU C 49 15.80 14.10 -27.51
C GLU C 49 15.77 12.83 -26.66
N HIS C 50 14.60 12.19 -26.57
CA HIS C 50 14.46 10.87 -25.94
C HIS C 50 15.44 9.88 -26.54
N TRP C 51 15.49 9.85 -27.88
CA TRP C 51 16.29 8.89 -28.60
C TRP C 51 17.78 9.09 -28.32
N LYS C 52 18.21 10.36 -28.29
CA LYS C 52 19.59 10.70 -27.94
C LYS C 52 19.98 10.13 -26.57
N ILE C 53 19.07 10.28 -25.61
CA ILE C 53 19.27 9.81 -24.26
C ILE C 53 19.33 8.28 -24.19
N ILE C 54 18.32 7.64 -24.79
CA ILE C 54 18.22 6.18 -24.90
C ILE C 54 19.48 5.56 -25.52
N ARG C 55 19.98 6.18 -26.59
CA ARG C 55 21.16 5.66 -27.25
C ARG C 55 22.46 5.87 -26.44
N TYR C 56 22.53 6.97 -25.71
CA TYR C 56 23.63 7.22 -24.78
C TYR C 56 23.63 6.18 -23.66
N LEU C 57 22.45 5.85 -23.12
CA LEU C 57 22.35 4.84 -22.08
C LEU C 57 22.91 3.50 -22.54
N ARG C 58 22.50 3.09 -23.73
CA ARG C 58 22.99 1.84 -24.33
C ARG C 58 24.47 1.84 -24.62
N ASP C 59 24.98 2.96 -25.15
CA ASP C 59 26.40 3.05 -25.49
C ASP C 59 27.25 3.00 -24.21
N TYR C 60 26.78 3.68 -23.17
CA TYR C 60 27.45 3.59 -21.89
C TYR C 60 27.42 2.16 -21.37
N PHE C 61 26.26 1.51 -21.42
CA PHE C 61 26.13 0.11 -20.91
C PHE C 61 27.00 -0.86 -21.72
N ILE C 62 27.00 -0.71 -23.05
CA ILE C 62 27.85 -1.58 -23.88
C ILE C 62 29.32 -1.42 -23.49
N LYS C 63 29.74 -0.19 -23.20
CA LYS C 63 31.14 0.10 -22.91
C LYS C 63 31.55 -0.27 -21.47
N TYR C 64 30.63 -0.07 -20.52
CA TYR C 64 30.93 -0.17 -19.09
C TYR C 64 30.22 -1.27 -18.33
N GLY C 65 29.08 -1.73 -18.85
CA GLY C 65 28.38 -2.91 -18.28
C GLY C 65 27.47 -2.51 -17.12
N VAL C 66 27.24 -1.21 -16.96
CA VAL C 66 26.36 -0.67 -15.94
C VAL C 66 25.72 0.57 -16.53
N ALA C 67 24.52 0.95 -16.06
CA ALA C 67 23.92 2.22 -16.51
C ALA C 67 24.69 3.42 -15.95
N PRO C 68 24.73 4.54 -16.71
CA PRO C 68 25.43 5.72 -16.21
C PRO C 68 24.80 6.29 -14.94
N PRO C 69 25.64 6.78 -14.01
CA PRO C 69 25.03 7.45 -12.86
C PRO C 69 24.34 8.76 -13.30
N VAL C 70 23.42 9.23 -12.48
CA VAL C 70 22.64 10.46 -12.76
C VAL C 70 23.52 11.65 -13.15
N ARG C 71 24.63 11.84 -12.44
CA ARG C 71 25.61 12.89 -12.73
C ARG C 71 26.08 12.88 -14.19
N MET C 72 26.41 11.70 -14.69
CA MET C 72 27.00 11.56 -16.01
C MET C 72 25.99 11.68 -17.13
N LEU C 73 24.77 11.24 -16.87
CA LEU C 73 23.64 11.46 -17.75
C LEU C 73 23.37 12.97 -17.94
N VAL C 74 23.29 13.71 -16.84
CA VAL C 74 23.05 15.16 -16.85
C VAL C 74 24.17 15.91 -17.56
N LYS C 75 25.42 15.50 -17.30
CA LYS C 75 26.58 16.06 -17.97
C LYS C 75 26.51 15.84 -19.48
N HIS C 76 26.12 14.63 -19.88
CA HIS C 76 26.01 14.28 -21.29
C HIS C 76 24.83 14.98 -21.96
N CYS C 77 23.72 15.07 -21.25
CA CYS C 77 22.52 15.77 -21.71
C CYS C 77 22.86 17.25 -21.99
N LYS C 78 23.60 17.86 -21.07
CA LYS C 78 24.06 19.25 -21.25
C LYS C 78 24.95 19.40 -22.48
N LYS C 79 25.78 18.40 -22.73
CA LYS C 79 26.71 18.42 -23.86
C LYS C 79 26.06 18.12 -25.22
N GLU C 80 25.10 17.22 -25.28
CA GLU C 80 24.59 16.73 -26.58
C GLU C 80 23.10 16.95 -26.85
N VAL C 81 22.32 17.18 -25.80
CA VAL C 81 20.88 17.32 -25.99
C VAL C 81 20.48 18.79 -26.02
N ARG C 82 20.68 19.47 -24.89
CA ARG C 82 20.54 20.93 -24.80
C ARG C 82 21.39 21.47 -23.65
N PRO C 83 22.09 22.61 -23.88
CA PRO C 83 23.03 23.16 -22.89
C PRO C 83 22.44 23.42 -21.50
N ASP C 84 21.12 23.58 -21.44
CA ASP C 84 20.44 23.94 -20.19
C ASP C 84 19.77 22.76 -19.48
N CYS C 85 19.88 21.57 -20.06
CA CYS C 85 19.28 20.36 -19.51
C CYS C 85 19.75 20.10 -18.10
N ASN C 86 18.80 19.82 -17.22
CA ASN C 86 19.06 19.41 -15.83
C ASN C 86 18.24 18.16 -15.54
N LEU C 87 18.23 17.70 -14.29
CA LEU C 87 17.53 16.46 -13.95
C LEU C 87 16.02 16.62 -14.12
N GLN C 88 15.52 17.81 -13.83
CA GLN C 88 14.14 18.16 -14.06
C GLN C 88 13.73 17.91 -15.52
N TYR C 89 14.61 18.30 -16.45
CA TYR C 89 14.34 18.11 -17.87
C TYR C 89 14.32 16.63 -18.27
N ILE C 90 15.19 15.83 -17.65
CA ILE C 90 15.18 14.38 -17.86
C ILE C 90 13.85 13.78 -17.36
N TYR C 91 13.38 14.27 -16.21
CA TYR C 91 12.06 13.87 -15.70
C TYR C 91 10.89 14.31 -16.58
N LYS C 92 11.03 15.46 -17.26
CA LYS C 92 10.03 15.90 -18.22
C LYS C 92 9.93 14.94 -19.40
N LEU C 93 11.08 14.57 -19.96
CA LEU C 93 11.15 13.57 -21.03
C LEU C 93 10.73 12.19 -20.53
N PHE C 94 11.19 11.83 -19.34
CA PHE C 94 10.94 10.50 -18.78
C PHE C 94 10.28 10.63 -17.39
N PRO C 95 8.93 10.72 -17.35
CA PRO C 95 8.23 11.03 -16.08
C PRO C 95 8.60 10.20 -14.83
N GLN C 96 8.85 8.90 -14.96
CA GLN C 96 9.22 8.09 -13.79
C GLN C 96 10.72 8.16 -13.46
N GLY C 97 11.50 8.81 -14.32
CA GLY C 97 12.91 9.05 -14.04
C GLY C 97 13.84 8.23 -14.90
N PRO C 98 15.16 8.44 -14.74
CA PRO C 98 16.15 7.75 -15.58
C PRO C 98 16.13 6.22 -15.47
N ALA C 99 15.77 5.68 -14.31
CA ALA C 99 15.79 4.23 -14.13
C ALA C 99 14.49 3.58 -14.58
N LYS C 100 13.37 4.01 -13.99
CA LYS C 100 12.09 3.34 -14.21
C LYS C 100 11.56 3.54 -15.61
N ASP C 101 11.93 4.67 -16.21
CA ASP C 101 11.51 5.00 -17.57
C ASP C 101 12.63 4.89 -18.59
N ALA C 102 13.68 5.70 -18.47
CA ALA C 102 14.68 5.75 -19.53
C ALA C 102 15.46 4.45 -19.72
N CYS C 103 16.05 3.90 -18.65
CA CYS C 103 16.76 2.60 -18.71
C CYS C 103 15.85 1.47 -19.15
N ARG C 104 14.60 1.50 -18.67
CA ARG C 104 13.60 0.52 -19.07
C ARG C 104 13.42 0.51 -20.58
N ILE C 105 13.11 1.67 -21.16
CA ILE C 105 12.86 1.82 -22.61
C ILE C 105 14.15 1.62 -23.44
N ALA C 106 15.31 1.95 -22.84
CA ALA C 106 16.63 1.72 -23.46
C ALA C 106 17.01 0.24 -23.46
N GLY C 107 16.22 -0.60 -22.79
CA GLY C 107 16.40 -2.04 -22.80
C GLY C 107 17.41 -2.56 -21.79
N LEU C 108 17.78 -1.71 -20.83
CA LEU C 108 18.78 -2.06 -19.82
C LEU C 108 18.14 -2.81 -18.65
N PRO C 109 18.96 -3.56 -17.86
CA PRO C 109 18.37 -4.15 -16.67
C PRO C 109 17.98 -3.05 -15.71
N LYS C 110 17.04 -3.37 -14.82
CA LYS C 110 16.71 -2.51 -13.71
C LYS C 110 18.02 -2.25 -12.97
N PRO C 111 18.41 -0.98 -12.80
CA PRO C 111 19.62 -0.70 -12.03
C PRO C 111 19.45 -1.09 -10.55
N THR C 112 20.51 -1.67 -9.99
CA THR C 112 20.52 -2.14 -8.60
C THR C 112 21.73 -1.55 -7.85
N GLY C 113 21.79 -1.82 -6.53
CA GLY C 113 22.93 -1.43 -5.71
C GLY C 113 22.82 -0.04 -5.09
N CYS C 114 21.60 0.47 -5.01
CA CYS C 114 21.30 1.75 -4.35
C CYS C 114 20.82 1.61 -2.87
N VAL C 115 21.04 0.44 -2.27
CA VAL C 115 20.69 0.20 -0.85
C VAL C 115 21.43 1.11 0.15
S SO4 D . -0.43 -16.57 4.83
O1 SO4 D . -1.01 -15.40 5.51
O2 SO4 D . -1.11 -17.78 5.27
O3 SO4 D . -0.60 -16.41 3.39
O4 SO4 D . 0.99 -16.66 5.13
S SO4 E . -11.62 -14.53 -0.35
O1 SO4 E . -11.00 -13.26 -0.01
O2 SO4 E . -11.86 -15.28 0.86
O3 SO4 E . -12.88 -14.28 -1.05
O4 SO4 E . -10.74 -15.29 -1.22
S SO4 F . 1.04 -9.60 -17.56
O1 SO4 F . 1.83 -8.93 -16.52
O2 SO4 F . 0.88 -10.98 -17.16
O3 SO4 F . -0.27 -8.99 -17.72
O4 SO4 F . 1.71 -9.48 -18.84
S SO4 G . -3.66 -3.56 -18.03
O1 SO4 G . -3.08 -4.86 -18.27
O2 SO4 G . -5.11 -3.58 -18.21
O3 SO4 G . -3.35 -3.19 -16.65
O4 SO4 G . -3.13 -2.58 -18.95
#